data_6RY4
#
_entry.id   6RY4
#
_cell.length_a   45.480
_cell.length_b   68.970
_cell.length_c   161.250
_cell.angle_alpha   90.00
_cell.angle_beta   90.00
_cell.angle_gamma   90.00
#
_symmetry.space_group_name_H-M   'P 21 21 21'
#
loop_
_entity.id
_entity.type
_entity.pdbx_description
1 polymer 'Protein mono-ADP-ribosyltransferase PARP15'
2 non-polymer 3-(4-aminocarbonylphenoxy)benzamide
3 non-polymer 'DIMETHYL SULFOXIDE'
4 water water
#
_entity_poly.entity_id   1
_entity_poly.type   'polypeptide(L)'
_entity_poly.pdbx_seq_one_letter_code
;LPEHWTDMNHQLFCMVQLEPGQSEYNTIKDKFTRTCSSYAIEKIERIQNAFLWQSYQVKKRQMDIKNDHKNNERLLFHGT
DADSVPYVNQHGFNRSCAGKNAVSYGKGTYFAVDASYSAKDTYSKPDSNGRKHMYVVRVLTGVFTKGRAGLVTPPPKNPH
NPTDLFDSVTNNTRSPKLFVVFFDNQAYPEYLITFTA
;
_entity_poly.pdbx_strand_id   A,B
#
# COMPACT_ATOMS: atom_id res chain seq x y z
N LEU A 1 -5.85 -19.76 -4.61
CA LEU A 1 -4.68 -19.73 -5.57
C LEU A 1 -5.11 -20.32 -6.92
N PRO A 2 -4.88 -19.62 -8.05
CA PRO A 2 -5.50 -19.98 -9.32
C PRO A 2 -5.14 -21.39 -9.82
N GLU A 3 -6.03 -22.00 -10.61
CA GLU A 3 -5.96 -23.41 -11.06
C GLU A 3 -4.68 -23.65 -11.88
N HIS A 4 -4.31 -22.71 -12.74
CA HIS A 4 -3.17 -22.83 -13.69
C HIS A 4 -1.81 -22.71 -12.98
N TRP A 5 -1.77 -22.27 -11.73
CA TRP A 5 -0.53 -22.31 -10.92
C TRP A 5 -0.14 -23.77 -10.77
N THR A 6 1.14 -24.04 -10.60
CA THR A 6 1.66 -25.40 -10.39
C THR A 6 1.99 -25.51 -8.89
N ASP A 7 1.96 -26.73 -8.37
CA ASP A 7 2.15 -27.08 -6.94
C ASP A 7 3.43 -26.41 -6.42
N MET A 8 3.41 -25.92 -5.17
CA MET A 8 4.56 -25.17 -4.60
C MET A 8 5.14 -25.90 -3.39
N ASN A 9 4.78 -27.16 -3.16
CA ASN A 9 5.29 -27.99 -2.04
C ASN A 9 5.08 -27.22 -0.73
N HIS A 10 3.90 -26.63 -0.54
CA HIS A 10 3.52 -25.87 0.68
C HIS A 10 4.33 -24.58 0.84
N GLN A 11 5.06 -24.12 -0.18
CA GLN A 11 5.76 -22.80 -0.20
C GLN A 11 4.80 -21.68 -0.66
N LEU A 12 5.14 -20.42 -0.41
CA LEU A 12 4.24 -19.27 -0.67
C LEU A 12 4.77 -18.40 -1.82
N PHE A 13 6.00 -18.66 -2.28
CA PHE A 13 6.63 -17.93 -3.42
C PHE A 13 7.37 -18.91 -4.32
N CYS A 14 7.07 -18.89 -5.62
CA CYS A 14 7.87 -19.59 -6.66
C CYS A 14 7.83 -18.78 -7.97
N MET A 15 8.95 -18.71 -8.69
CA MET A 15 8.99 -18.29 -10.11
C MET A 15 9.03 -19.57 -10.97
N VAL A 16 8.03 -19.78 -11.84
CA VAL A 16 7.90 -21.03 -12.64
C VAL A 16 8.15 -20.71 -14.11
N GLN A 17 9.21 -21.27 -14.69
CA GLN A 17 9.51 -21.05 -16.12
C GLN A 17 8.46 -21.77 -16.96
N LEU A 18 7.83 -21.06 -17.89
CA LEU A 18 6.79 -21.65 -18.78
C LEU A 18 7.47 -22.52 -19.85
N GLU A 19 6.81 -23.61 -20.22
CA GLU A 19 7.18 -24.50 -21.36
C GLU A 19 6.85 -23.79 -22.66
N PRO A 20 7.84 -23.50 -23.53
CA PRO A 20 7.57 -22.96 -24.86
C PRO A 20 6.59 -23.83 -25.66
N GLY A 21 5.73 -23.17 -26.45
CA GLY A 21 4.78 -23.84 -27.35
C GLY A 21 3.53 -24.37 -26.66
N GLN A 22 3.42 -24.28 -25.33
CA GLN A 22 2.14 -24.63 -24.66
C GLN A 22 1.28 -23.37 -24.57
N SER A 23 0.00 -23.57 -24.31
CA SER A 23 -1.10 -22.58 -24.47
C SER A 23 -0.84 -21.30 -23.63
N GLU A 24 -0.37 -21.45 -22.39
CA GLU A 24 -0.14 -20.30 -21.49
C GLU A 24 1.03 -19.46 -22.04
N TYR A 25 2.15 -20.10 -22.37
CA TYR A 25 3.34 -19.43 -22.94
C TYR A 25 2.97 -18.68 -24.23
N ASN A 26 2.24 -19.36 -25.11
CA ASN A 26 1.82 -18.82 -26.43
C ASN A 26 0.98 -17.56 -26.21
N THR A 27 0.04 -17.61 -25.28
CA THR A 27 -0.88 -16.49 -24.98
C THR A 27 -0.06 -15.25 -24.58
N ILE A 28 0.87 -15.41 -23.64
CA ILE A 28 1.66 -14.27 -23.08
C ILE A 28 2.60 -13.78 -24.17
N LYS A 29 3.24 -14.72 -24.87
CA LYS A 29 4.19 -14.38 -25.97
C LYS A 29 3.46 -13.52 -27.00
N ASP A 30 2.24 -13.90 -27.39
CA ASP A 30 1.47 -13.18 -28.44
C ASP A 30 1.18 -11.74 -27.98
N LYS A 31 0.91 -11.52 -26.68
CA LYS A 31 0.61 -10.15 -26.15
C LYS A 31 1.85 -9.26 -26.32
N PHE A 32 3.04 -9.85 -26.17
CA PHE A 32 4.34 -9.15 -26.27
C PHE A 32 4.68 -8.89 -27.75
N THR A 33 4.58 -9.91 -28.61
CA THR A 33 5.02 -9.83 -30.04
C THR A 33 4.03 -9.00 -30.86
N ARG A 34 2.82 -8.78 -30.37
CA ARG A 34 1.87 -7.84 -31.02
C ARG A 34 2.58 -6.51 -31.32
N THR A 35 3.47 -6.01 -30.45
CA THR A 35 4.18 -4.71 -30.64
C THR A 35 5.70 -4.87 -30.59
N CYS A 36 6.23 -6.04 -30.18
CA CYS A 36 7.67 -6.31 -29.93
C CYS A 36 8.15 -7.55 -30.73
N SER A 37 7.67 -7.74 -31.97
CA SER A 37 8.00 -8.93 -32.81
C SER A 37 9.47 -8.91 -33.25
N SER A 38 10.18 -7.77 -33.15
CA SER A 38 11.61 -7.66 -33.56
C SER A 38 12.54 -8.07 -32.41
N TYR A 39 12.00 -8.35 -31.22
CA TYR A 39 12.81 -8.69 -30.02
C TYR A 39 13.00 -10.21 -29.98
N ALA A 40 13.89 -10.70 -29.12
CA ALA A 40 14.15 -12.13 -28.87
C ALA A 40 13.78 -12.47 -27.43
N ILE A 41 12.84 -13.39 -27.25
CA ILE A 41 12.38 -13.91 -25.93
C ILE A 41 13.30 -15.05 -25.50
N GLU A 42 14.01 -14.85 -24.40
CA GLU A 42 14.85 -15.87 -23.75
C GLU A 42 13.93 -16.77 -22.91
N LYS A 43 13.06 -16.20 -22.08
CA LYS A 43 12.10 -17.03 -21.30
C LYS A 43 10.97 -16.18 -20.75
N ILE A 44 9.90 -16.86 -20.34
CA ILE A 44 8.74 -16.28 -19.65
C ILE A 44 8.55 -17.08 -18.36
N GLU A 45 8.45 -16.39 -17.23
CA GLU A 45 8.24 -16.99 -15.90
C GLU A 45 6.88 -16.55 -15.37
N ARG A 46 6.13 -17.49 -14.83
CA ARG A 46 4.91 -17.20 -14.03
C ARG A 46 5.32 -16.85 -12.60
N ILE A 47 4.83 -15.73 -12.09
CA ILE A 47 5.11 -15.30 -10.70
C ILE A 47 4.01 -15.85 -9.80
N GLN A 48 4.37 -16.78 -8.92
CA GLN A 48 3.42 -17.42 -7.97
C GLN A 48 3.74 -16.86 -6.58
N ASN A 49 3.11 -15.74 -6.22
CA ASN A 49 3.34 -15.03 -4.93
C ASN A 49 1.99 -15.02 -4.20
N ALA A 50 1.78 -15.99 -3.31
CA ALA A 50 0.50 -16.22 -2.61
C ALA A 50 0.04 -14.95 -1.88
N PHE A 51 0.91 -14.29 -1.14
CA PHE A 51 0.57 -13.11 -0.27
C PHE A 51 0.18 -11.92 -1.16
N LEU A 52 0.96 -11.65 -2.20
CA LEU A 52 0.67 -10.55 -3.17
C LEU A 52 -0.66 -10.83 -3.84
N TRP A 53 -0.87 -12.08 -4.28
CA TRP A 53 -2.11 -12.48 -4.98
C TRP A 53 -3.29 -12.24 -4.04
N GLN A 54 -3.18 -12.67 -2.77
CA GLN A 54 -4.29 -12.57 -1.79
C GLN A 54 -4.64 -11.09 -1.60
N SER A 55 -3.64 -10.24 -1.36
CA SER A 55 -3.83 -8.79 -1.12
C SER A 55 -4.46 -8.14 -2.35
N TYR A 56 -4.00 -8.50 -3.56
CA TYR A 56 -4.54 -7.98 -4.84
C TYR A 56 -6.00 -8.39 -5.03
N GLN A 57 -6.32 -9.66 -4.75
CA GLN A 57 -7.69 -10.19 -4.97
C GLN A 57 -8.67 -9.49 -4.02
N VAL A 58 -8.21 -9.17 -2.82
CA VAL A 58 -9.05 -8.47 -1.81
C VAL A 58 -9.37 -7.09 -2.36
N LYS A 59 -8.37 -6.41 -2.92
CA LYS A 59 -8.59 -5.07 -3.53
CA LYS A 59 -8.55 -5.08 -3.57
C LYS A 59 -9.52 -5.22 -4.75
N LYS A 60 -9.38 -6.29 -5.54
CA LYS A 60 -10.26 -6.50 -6.71
C LYS A 60 -11.72 -6.64 -6.24
N ARG A 61 -11.98 -7.47 -5.24
CA ARG A 61 -13.35 -7.72 -4.76
C ARG A 61 -13.94 -6.41 -4.23
N GLN A 62 -13.14 -5.63 -3.51
CA GLN A 62 -13.54 -4.30 -2.97
C GLN A 62 -13.87 -3.32 -4.10
N MET A 63 -13.01 -3.22 -5.12
CA MET A 63 -13.25 -2.29 -6.27
C MET A 63 -14.50 -2.75 -7.06
N ASP A 64 -14.72 -4.06 -7.22
CA ASP A 64 -15.88 -4.63 -7.94
C ASP A 64 -17.18 -4.22 -7.20
N ILE A 65 -17.20 -4.29 -5.87
CA ILE A 65 -18.32 -3.80 -5.01
C ILE A 65 -18.52 -2.30 -5.21
N LYS A 66 -17.45 -1.52 -5.00
CA LYS A 66 -17.49 -0.04 -5.02
C LYS A 66 -17.97 0.46 -6.38
N ASN A 67 -17.45 -0.08 -7.47
CA ASN A 67 -17.78 0.38 -8.84
C ASN A 67 -19.05 -0.31 -9.37
N ASP A 68 -19.54 -1.37 -8.71
CA ASP A 68 -20.85 -2.02 -9.00
C ASP A 68 -20.79 -2.72 -10.36
N HIS A 69 -19.61 -3.15 -10.80
CA HIS A 69 -19.37 -3.90 -12.05
C HIS A 69 -17.99 -4.53 -11.95
N LYS A 70 -17.67 -5.47 -12.84
CA LYS A 70 -16.43 -6.30 -12.79
C LYS A 70 -15.57 -6.03 -14.03
N ASN A 71 -15.53 -4.79 -14.51
CA ASN A 71 -14.64 -4.41 -15.64
C ASN A 71 -13.49 -3.55 -15.10
N ASN A 72 -12.88 -3.92 -13.96
CA ASN A 72 -11.92 -3.03 -13.25
C ASN A 72 -10.46 -3.40 -13.56
N GLU A 73 -10.21 -4.54 -14.19
CA GLU A 73 -8.86 -5.11 -14.38
C GLU A 73 -8.41 -4.95 -15.84
N ARG A 74 -7.16 -4.56 -16.08
CA ARG A 74 -6.48 -4.54 -17.42
C ARG A 74 -5.15 -5.31 -17.31
N LEU A 75 -4.67 -5.90 -18.40
CA LEU A 75 -3.35 -6.55 -18.44
C LEU A 75 -2.40 -5.57 -19.13
N LEU A 76 -1.40 -5.09 -18.39
CA LEU A 76 -0.51 -4.01 -18.86
C LEU A 76 0.93 -4.49 -18.71
N PHE A 77 1.88 -3.69 -19.17
CA PHE A 77 3.31 -4.04 -19.16
C PHE A 77 4.07 -3.06 -18.27
N HIS A 78 5.16 -3.55 -17.68
CA HIS A 78 6.07 -2.71 -16.87
C HIS A 78 7.50 -3.17 -17.12
N GLY A 79 8.30 -2.31 -17.75
CA GLY A 79 9.75 -2.50 -17.90
C GLY A 79 10.49 -2.02 -16.67
N THR A 80 11.52 -2.73 -16.25
CA THR A 80 12.37 -2.31 -15.12
C THR A 80 13.78 -2.85 -15.30
N ASP A 81 14.69 -2.43 -14.42
CA ASP A 81 16.12 -2.89 -14.41
C ASP A 81 16.20 -4.22 -13.67
N ALA A 82 17.24 -5.01 -14.00
CA ALA A 82 17.56 -6.31 -13.36
C ALA A 82 17.59 -6.18 -11.83
N ASP A 83 18.05 -5.05 -11.29
CA ASP A 83 18.26 -4.90 -9.82
C ASP A 83 16.92 -4.71 -9.09
N SER A 84 15.84 -4.33 -9.77
CA SER A 84 14.48 -4.18 -9.20
C SER A 84 13.69 -5.48 -9.27
N VAL A 85 14.13 -6.45 -10.07
CA VAL A 85 13.33 -7.69 -10.34
C VAL A 85 13.09 -8.48 -9.05
N PRO A 86 14.10 -8.80 -8.20
CA PRO A 86 13.82 -9.54 -6.97
C PRO A 86 12.77 -8.86 -6.07
N TYR A 87 12.90 -7.56 -5.87
CA TYR A 87 11.94 -6.74 -5.09
C TYR A 87 10.53 -6.90 -5.68
N VAL A 88 10.37 -6.70 -6.98
CA VAL A 88 9.01 -6.75 -7.61
C VAL A 88 8.46 -8.17 -7.45
N ASN A 89 9.27 -9.22 -7.64
CA ASN A 89 8.79 -10.63 -7.55
C ASN A 89 8.21 -10.88 -6.14
N GLN A 90 8.86 -10.37 -5.09
CA GLN A 90 8.50 -10.67 -3.68
CA GLN A 90 8.51 -10.66 -3.67
C GLN A 90 7.46 -9.66 -3.16
N HIS A 91 7.59 -8.38 -3.54
CA HIS A 91 6.84 -7.27 -2.87
C HIS A 91 5.90 -6.52 -3.83
N GLY A 92 5.99 -6.77 -5.13
CA GLY A 92 5.19 -6.04 -6.13
C GLY A 92 5.71 -4.63 -6.35
N PHE A 93 4.81 -3.73 -6.72
CA PHE A 93 5.19 -2.37 -7.19
C PHE A 93 5.00 -1.41 -6.02
N ASN A 94 5.92 -0.45 -5.93
CA ASN A 94 6.03 0.46 -4.76
C ASN A 94 6.27 1.86 -5.32
N ARG A 95 5.29 2.76 -5.19
CA ARG A 95 5.40 4.15 -5.70
C ARG A 95 6.58 4.87 -5.03
N SER A 96 7.08 4.39 -3.88
CA SER A 96 8.15 5.06 -3.10
C SER A 96 9.54 4.71 -3.64
N CYS A 97 9.66 3.76 -4.58
CA CYS A 97 10.96 3.28 -5.10
C CYS A 97 11.51 4.23 -6.16
N ALA A 98 10.62 4.83 -6.97
CA ALA A 98 10.92 5.46 -8.28
C ALA A 98 11.69 6.78 -8.13
N GLY A 99 13.02 6.72 -7.98
CA GLY A 99 13.88 7.92 -8.05
C GLY A 99 14.57 8.02 -9.40
N LYS A 100 13.87 7.73 -10.50
CA LYS A 100 14.47 7.39 -11.82
C LYS A 100 13.85 8.21 -12.98
N ASN A 101 12.65 7.83 -13.44
CA ASN A 101 12.05 8.27 -14.73
C ASN A 101 11.05 9.41 -14.45
N ALA A 102 10.34 9.90 -15.48
CA ALA A 102 9.36 11.01 -15.37
C ALA A 102 8.14 10.58 -14.53
N VAL A 103 7.47 11.56 -13.94
CA VAL A 103 6.25 11.38 -13.09
C VAL A 103 5.22 12.45 -13.48
N SER A 104 5.10 12.72 -14.79
CA SER A 104 4.25 13.78 -15.40
C SER A 104 2.77 13.58 -15.07
N TYR A 105 2.33 12.35 -14.81
CA TYR A 105 0.89 12.07 -14.57
C TYR A 105 0.67 11.70 -13.10
N GLY A 106 1.68 11.85 -12.25
CA GLY A 106 1.54 11.65 -10.80
C GLY A 106 2.60 10.74 -10.21
N LYS A 107 2.80 10.81 -8.90
CA LYS A 107 3.83 9.98 -8.20
C LYS A 107 3.18 8.64 -7.84
N GLY A 108 3.02 7.77 -8.85
CA GLY A 108 2.55 6.39 -8.70
C GLY A 108 3.39 5.42 -9.51
N THR A 109 2.97 4.17 -9.67
CA THR A 109 3.68 3.20 -10.54
C THR A 109 3.06 3.30 -11.93
N TYR A 110 3.89 3.31 -12.97
CA TYR A 110 3.48 3.48 -14.39
C TYR A 110 3.38 2.10 -15.05
N PHE A 111 2.35 1.93 -15.90
CA PHE A 111 2.13 0.71 -16.71
C PHE A 111 1.73 1.13 -18.13
N ALA A 112 2.21 0.40 -19.13
CA ALA A 112 1.99 0.66 -20.57
C ALA A 112 0.92 -0.27 -21.13
N VAL A 113 0.09 0.24 -22.03
CA VAL A 113 -0.86 -0.59 -22.85
C VAL A 113 -0.04 -1.45 -23.82
N ASP A 114 1.04 -0.89 -24.41
CA ASP A 114 1.89 -1.58 -25.42
C ASP A 114 3.22 -2.01 -24.81
N ALA A 115 3.59 -3.26 -25.04
CA ALA A 115 4.91 -3.81 -24.66
C ALA A 115 6.04 -2.97 -25.26
N SER A 116 5.85 -2.43 -26.47
CA SER A 116 6.86 -1.61 -27.17
C SER A 116 7.24 -0.38 -26.33
N TYR A 117 6.30 0.24 -25.64
CA TYR A 117 6.60 1.38 -24.72
C TYR A 117 7.53 0.90 -23.58
N SER A 118 7.16 -0.21 -22.91
CA SER A 118 7.94 -0.78 -21.77
C SER A 118 9.30 -1.29 -22.26
N ALA A 119 9.43 -1.65 -23.53
CA ALA A 119 10.67 -2.20 -24.15
C ALA A 119 11.75 -1.12 -24.31
N LYS A 120 11.40 0.16 -24.17
CA LYS A 120 12.41 1.25 -24.20
C LYS A 120 13.47 0.98 -23.13
N ASP A 121 14.73 1.27 -23.47
CA ASP A 121 15.89 1.04 -22.59
C ASP A 121 15.81 1.90 -21.32
N THR A 122 15.13 3.05 -21.32
CA THR A 122 14.99 3.88 -20.08
C THR A 122 14.19 3.13 -19.01
N TYR A 123 13.31 2.17 -19.38
CA TYR A 123 12.48 1.36 -18.44
C TYR A 123 13.07 -0.04 -18.29
N SER A 124 13.02 -0.87 -19.35
CA SER A 124 13.62 -2.22 -19.34
C SER A 124 15.13 -2.09 -19.63
N LYS A 125 15.89 -1.54 -18.67
CA LYS A 125 17.34 -1.23 -18.86
CA LYS A 125 17.34 -1.23 -18.84
C LYS A 125 18.09 -2.53 -19.15
N PRO A 126 18.88 -2.58 -20.25
CA PRO A 126 19.67 -3.76 -20.56
C PRO A 126 20.78 -3.95 -19.52
N ASP A 127 21.01 -5.18 -19.05
CA ASP A 127 22.11 -5.53 -18.12
C ASP A 127 23.38 -5.77 -18.96
N SER A 128 24.49 -6.16 -18.31
CA SER A 128 25.81 -6.43 -18.94
C SER A 128 25.64 -7.16 -20.28
N ASN A 129 24.69 -8.10 -20.35
CA ASN A 129 24.55 -9.07 -21.47
C ASN A 129 23.46 -8.61 -22.46
N GLY A 130 22.83 -7.46 -22.23
CA GLY A 130 21.79 -6.95 -23.14
C GLY A 130 20.43 -7.54 -22.83
N ARG A 131 20.33 -8.33 -21.76
CA ARG A 131 19.05 -8.88 -21.25
C ARG A 131 18.19 -7.74 -20.70
N LYS A 132 16.94 -7.68 -21.15
CA LYS A 132 15.93 -6.70 -20.71
C LYS A 132 14.81 -7.45 -19.98
N HIS A 133 14.12 -6.77 -19.06
CA HIS A 133 13.08 -7.38 -18.19
C HIS A 133 11.80 -6.55 -18.25
N MET A 134 10.69 -7.21 -18.54
CA MET A 134 9.34 -6.60 -18.60
C MET A 134 8.35 -7.53 -17.91
N TYR A 135 7.51 -6.96 -17.04
CA TYR A 135 6.40 -7.69 -16.37
C TYR A 135 5.15 -7.55 -17.21
N VAL A 136 4.35 -8.61 -17.21
CA VAL A 136 2.92 -8.58 -17.60
C VAL A 136 2.16 -8.53 -16.29
N VAL A 137 1.30 -7.52 -16.14
CA VAL A 137 0.76 -7.08 -14.83
C VAL A 137 -0.75 -7.00 -14.92
N ARG A 138 -1.44 -7.62 -13.95
CA ARG A 138 -2.88 -7.37 -13.74
C ARG A 138 -3.00 -6.08 -12.96
N VAL A 139 -3.66 -5.08 -13.54
CA VAL A 139 -3.79 -3.74 -12.90
C VAL A 139 -5.27 -3.43 -12.71
N LEU A 140 -5.62 -2.99 -11.51
CA LEU A 140 -6.99 -2.52 -11.16
C LEU A 140 -7.11 -1.04 -11.54
N THR A 141 -7.31 -0.77 -12.83
CA THR A 141 -7.43 0.60 -13.39
C THR A 141 -8.78 1.20 -13.02
N GLY A 142 -9.80 0.36 -12.84
CA GLY A 142 -11.16 0.77 -12.46
C GLY A 142 -11.68 1.94 -13.30
N VAL A 143 -12.28 2.92 -12.64
CA VAL A 143 -12.74 4.19 -13.27
C VAL A 143 -11.54 5.15 -13.23
N PHE A 144 -11.15 5.68 -14.38
CA PHE A 144 -9.91 6.49 -14.50
C PHE A 144 -10.23 7.87 -15.07
N THR A 145 -9.27 8.79 -14.89
CA THR A 145 -9.33 10.18 -15.37
C THR A 145 -7.91 10.54 -15.85
N LYS A 146 -7.76 11.67 -16.53
CA LYS A 146 -6.47 12.20 -16.98
C LYS A 146 -5.64 12.63 -15.75
N GLY A 147 -4.37 12.24 -15.72
CA GLY A 147 -3.48 12.61 -14.61
C GLY A 147 -2.84 13.96 -14.86
N ARG A 148 -1.99 14.38 -13.93
CA ARG A 148 -1.19 15.63 -14.04
CA ARG A 148 -1.19 15.63 -14.04
C ARG A 148 -0.04 15.52 -13.03
N ALA A 149 0.99 16.33 -13.20
CA ALA A 149 2.20 16.33 -12.36
C ALA A 149 1.82 16.67 -10.92
N GLY A 150 2.43 15.97 -9.97
CA GLY A 150 2.31 16.25 -8.54
C GLY A 150 1.23 15.46 -7.84
N LEU A 151 0.34 14.75 -8.54
CA LEU A 151 -0.70 13.92 -7.89
C LEU A 151 0.00 12.92 -6.96
N VAL A 152 -0.50 12.75 -5.74
CA VAL A 152 -0.05 11.69 -4.80
C VAL A 152 -1.14 10.60 -4.67
N THR A 153 -2.38 10.89 -5.06
CA THR A 153 -3.50 9.93 -5.21
C THR A 153 -4.27 10.34 -6.46
N PRO A 154 -5.17 9.50 -6.99
CA PRO A 154 -6.07 9.96 -8.04
C PRO A 154 -6.97 11.09 -7.54
N PRO A 155 -7.38 12.01 -8.43
CA PRO A 155 -8.32 13.06 -8.07
C PRO A 155 -9.66 12.51 -7.62
N PRO A 156 -10.47 13.31 -6.90
CA PRO A 156 -11.85 12.92 -6.58
C PRO A 156 -12.73 12.91 -7.83
N LYS A 157 -13.76 12.06 -7.85
CA LYS A 157 -14.74 11.99 -8.97
C LYS A 157 -15.57 13.28 -9.01
N ASN A 158 -15.86 13.84 -7.85
CA ASN A 158 -16.59 15.12 -7.70
C ASN A 158 -15.98 15.82 -6.48
N PRO A 159 -15.43 17.05 -6.59
CA PRO A 159 -14.87 17.75 -5.42
C PRO A 159 -15.90 18.16 -4.35
N HIS A 160 -17.20 17.91 -4.57
CA HIS A 160 -18.27 18.00 -3.54
C HIS A 160 -18.15 16.84 -2.54
N ASN A 161 -17.52 15.72 -2.93
CA ASN A 161 -17.19 14.57 -2.05
C ASN A 161 -15.72 14.21 -2.25
N PRO A 162 -14.79 14.97 -1.63
CA PRO A 162 -13.37 14.86 -1.96
C PRO A 162 -12.66 13.55 -1.59
N THR A 163 -13.32 12.59 -0.91
CA THR A 163 -12.66 11.31 -0.55
C THR A 163 -13.13 10.17 -1.46
N ASP A 164 -14.12 10.39 -2.31
CA ASP A 164 -14.53 9.38 -3.32
C ASP A 164 -13.64 9.58 -4.56
N LEU A 165 -12.59 8.78 -4.71
CA LEU A 165 -11.50 8.97 -5.72
C LEU A 165 -11.75 8.13 -6.98
N PHE A 166 -11.25 8.59 -8.12
CA PHE A 166 -10.94 7.71 -9.27
C PHE A 166 -9.98 6.61 -8.79
N ASP A 167 -9.96 5.46 -9.48
CA ASP A 167 -9.10 4.29 -9.13
C ASP A 167 -7.69 4.47 -9.68
N SER A 168 -7.56 5.18 -10.80
CA SER A 168 -6.26 5.37 -11.50
C SER A 168 -6.32 6.61 -12.39
N VAL A 169 -5.18 7.00 -12.94
CA VAL A 169 -5.15 8.09 -13.96
C VAL A 169 -4.48 7.57 -15.23
N THR A 170 -4.66 8.30 -16.32
CA THR A 170 -4.09 7.94 -17.62
C THR A 170 -3.58 9.20 -18.32
N ASN A 171 -2.86 9.04 -19.43
CA ASN A 171 -2.40 10.17 -20.29
C ASN A 171 -3.59 10.69 -21.11
N ASN A 172 -4.54 9.82 -21.44
CA ASN A 172 -5.62 10.09 -22.43
C ASN A 172 -6.78 9.12 -22.16
N THR A 173 -7.94 9.63 -21.72
CA THR A 173 -9.11 8.84 -21.29
C THR A 173 -9.74 8.14 -22.50
N ARG A 174 -9.72 8.75 -23.68
CA ARG A 174 -10.39 8.19 -24.88
C ARG A 174 -9.52 7.10 -25.51
N SER A 175 -8.20 7.26 -25.54
CA SER A 175 -7.26 6.27 -26.13
C SER A 175 -6.03 6.15 -25.25
N PRO A 176 -6.13 5.47 -24.09
CA PRO A 176 -5.02 5.43 -23.13
C PRO A 176 -3.81 4.63 -23.62
N LYS A 177 -2.62 5.11 -23.30
CA LYS A 177 -1.39 4.34 -23.57
C LYS A 177 -0.62 4.05 -22.27
N LEU A 178 -0.91 4.77 -21.19
CA LEU A 178 -0.31 4.49 -19.87
C LEU A 178 -1.36 4.68 -18.77
N PHE A 179 -1.16 3.97 -17.67
CA PHE A 179 -1.96 4.07 -16.44
C PHE A 179 -0.99 4.22 -15.26
N VAL A 180 -1.41 5.01 -14.27
CA VAL A 180 -0.67 5.23 -13.01
C VAL A 180 -1.59 4.78 -11.86
N VAL A 181 -1.09 3.94 -10.95
CA VAL A 181 -1.80 3.59 -9.68
C VAL A 181 -0.94 4.04 -8.50
N PHE A 182 -1.59 4.37 -7.38
CA PHE A 182 -1.00 5.12 -6.25
C PHE A 182 -1.13 4.33 -4.94
N PHE A 183 -1.59 3.08 -5.00
CA PHE A 183 -1.78 2.22 -3.80
C PHE A 183 -1.13 0.85 -4.04
N ASP A 184 -0.53 0.35 -2.96
CA ASP A 184 0.07 -1.01 -2.90
C ASP A 184 -1.05 -2.00 -3.24
N ASN A 185 -0.72 -3.10 -3.91
CA ASN A 185 -1.67 -4.23 -4.09
C ASN A 185 -2.82 -3.82 -5.04
N GLN A 186 -2.63 -2.77 -5.86
CA GLN A 186 -3.54 -2.44 -6.99
C GLN A 186 -2.98 -3.07 -8.29
N ALA A 187 -1.81 -3.73 -8.21
CA ALA A 187 -1.15 -4.34 -9.38
C ALA A 187 -0.53 -5.67 -8.94
N TYR A 188 -0.79 -6.75 -9.67
CA TYR A 188 -0.15 -8.06 -9.44
C TYR A 188 0.78 -8.39 -10.59
N PRO A 189 2.10 -8.55 -10.35
CA PRO A 189 3.04 -8.95 -11.40
C PRO A 189 2.83 -10.43 -11.73
N GLU A 190 2.27 -10.75 -12.91
CA GLU A 190 1.80 -12.12 -13.23
C GLU A 190 2.86 -12.91 -14.01
N TYR A 191 3.52 -12.28 -14.98
CA TYR A 191 4.63 -12.89 -15.76
C TYR A 191 5.81 -11.94 -15.86
N LEU A 192 7.00 -12.51 -15.90
CA LEU A 192 8.28 -11.81 -16.18
C LEU A 192 8.83 -12.34 -17.50
N ILE A 193 8.98 -11.45 -18.49
CA ILE A 193 9.58 -11.77 -19.81
C ILE A 193 11.04 -11.32 -19.78
N THR A 194 11.97 -12.25 -20.01
CA THR A 194 13.40 -11.94 -20.22
C THR A 194 13.65 -11.97 -21.72
N PHE A 195 14.19 -10.89 -22.29
CA PHE A 195 14.28 -10.70 -23.78
C PHE A 195 15.47 -9.83 -24.13
N THR A 196 15.80 -9.78 -25.43
CA THR A 196 16.90 -8.92 -25.98
C THR A 196 16.40 -8.24 -27.25
N ALA A 197 17.06 -7.13 -27.60
CA ALA A 197 16.76 -6.32 -28.81
C ALA A 197 17.18 -7.10 -30.07
N LEU B 1 -16.48 -9.20 9.55
CA LEU B 1 -16.39 -7.93 10.36
C LEU B 1 -16.63 -8.26 11.84
N PRO B 2 -15.96 -7.58 12.80
CA PRO B 2 -16.12 -7.93 14.22
C PRO B 2 -17.57 -7.81 14.71
N GLU B 3 -18.01 -8.77 15.54
CA GLU B 3 -19.44 -8.93 15.92
C GLU B 3 -19.91 -7.81 16.86
N HIS B 4 -19.03 -7.10 17.52
CA HIS B 4 -19.43 -6.00 18.44
C HIS B 4 -19.59 -4.67 17.68
N TRP B 5 -19.24 -4.59 16.39
CA TRP B 5 -19.52 -3.39 15.57
C TRP B 5 -21.05 -3.20 15.47
N THR B 6 -21.51 -1.96 15.34
CA THR B 6 -22.92 -1.65 15.04
C THR B 6 -23.27 -2.17 13.65
N ASP B 7 -24.53 -2.54 13.44
CA ASP B 7 -25.03 -2.96 12.10
C ASP B 7 -24.90 -1.73 11.22
N MET B 8 -24.21 -1.83 10.09
CA MET B 8 -24.01 -0.67 9.19
C MET B 8 -25.04 -0.71 8.04
N ASN B 9 -25.92 -1.72 8.03
CA ASN B 9 -27.12 -1.74 7.16
C ASN B 9 -26.65 -1.64 5.71
N HIS B 10 -25.75 -2.55 5.31
CA HIS B 10 -25.12 -2.64 3.96
C HIS B 10 -24.05 -1.56 3.74
N GLN B 11 -23.96 -0.51 4.57
CA GLN B 11 -22.95 0.58 4.44
C GLN B 11 -21.55 0.04 4.76
N LEU B 12 -20.51 0.66 4.21
CA LEU B 12 -19.11 0.13 4.26
C LEU B 12 -18.29 0.93 5.27
N PHE B 13 -18.85 2.02 5.80
CA PHE B 13 -18.12 2.97 6.67
C PHE B 13 -19.08 3.65 7.64
N CYS B 14 -18.70 3.73 8.91
CA CYS B 14 -19.45 4.45 9.97
CA CYS B 14 -19.36 4.65 9.85
C CYS B 14 -18.49 4.87 11.09
N MET B 15 -18.73 6.01 11.72
CA MET B 15 -18.09 6.47 12.98
C MET B 15 -19.12 6.25 14.08
N VAL B 16 -18.75 5.58 15.16
CA VAL B 16 -19.68 5.27 16.29
C VAL B 16 -19.18 5.98 17.54
N GLN B 17 -19.97 6.90 18.03
CA GLN B 17 -19.67 7.69 19.25
C GLN B 17 -19.80 6.76 20.45
N LEU B 18 -18.76 6.63 21.25
CA LEU B 18 -18.75 5.76 22.44
C LEU B 18 -19.32 6.50 23.66
N GLU B 19 -19.80 5.73 24.62
CA GLU B 19 -20.44 6.22 25.87
C GLU B 19 -19.42 6.14 26.99
N PRO B 20 -19.12 7.26 27.68
CA PRO B 20 -18.27 7.21 28.88
C PRO B 20 -18.91 6.24 29.87
N GLY B 21 -18.10 5.49 30.61
CA GLY B 21 -18.59 4.42 31.51
C GLY B 21 -18.54 3.04 30.87
N GLN B 22 -18.61 2.92 29.54
CA GLN B 22 -18.34 1.65 28.84
C GLN B 22 -16.83 1.35 28.96
N SER B 23 -16.47 0.07 29.18
CA SER B 23 -15.05 -0.39 29.25
C SER B 23 -14.32 0.10 27.97
N GLU B 24 -14.99 0.05 26.82
CA GLU B 24 -14.37 0.37 25.52
C GLU B 24 -13.92 1.83 25.53
N TYR B 25 -14.77 2.74 26.01
CA TYR B 25 -14.43 4.19 26.14
C TYR B 25 -13.35 4.34 27.21
N ASN B 26 -13.56 3.71 28.38
CA ASN B 26 -12.71 3.96 29.56
C ASN B 26 -11.28 3.50 29.29
N THR B 27 -11.06 2.36 28.62
CA THR B 27 -9.69 1.86 28.30
C THR B 27 -8.97 2.90 27.42
N ILE B 28 -9.63 3.45 26.41
CA ILE B 28 -8.99 4.45 25.52
C ILE B 28 -8.72 5.74 26.31
N LYS B 29 -9.70 6.23 27.07
CA LYS B 29 -9.50 7.45 27.90
C LYS B 29 -8.26 7.26 28.82
N ASP B 30 -8.17 6.11 29.48
CA ASP B 30 -7.05 5.81 30.42
C ASP B 30 -5.71 5.74 29.67
N LYS B 31 -5.67 5.09 28.51
CA LYS B 31 -4.45 4.97 27.68
C LYS B 31 -3.97 6.37 27.31
N PHE B 32 -4.89 7.28 27.02
CA PHE B 32 -4.63 8.70 26.64
C PHE B 32 -4.16 9.48 27.87
N THR B 33 -4.91 9.43 28.98
CA THR B 33 -4.69 10.30 30.17
C THR B 33 -3.40 9.89 30.88
N ARG B 34 -2.96 8.65 30.71
CA ARG B 34 -1.66 8.15 31.24
C ARG B 34 -0.55 9.17 30.93
N THR B 35 -0.53 9.83 29.76
CA THR B 35 0.52 10.83 29.44
C THR B 35 -0.04 12.20 29.04
N CYS B 36 -1.35 12.37 28.81
CA CYS B 36 -1.96 13.69 28.47
C CYS B 36 -3.05 14.07 29.51
N SER B 37 -2.75 14.01 30.80
CA SER B 37 -3.72 14.36 31.87
C SER B 37 -4.05 15.86 31.87
N SER B 38 -3.30 16.72 31.16
CA SER B 38 -3.57 18.19 31.08
C SER B 38 -4.70 18.53 30.09
N TYR B 39 -5.07 17.61 29.19
CA TYR B 39 -6.09 17.82 28.12
C TYR B 39 -7.42 17.17 28.55
N ALA B 40 -8.52 17.52 27.88
CA ALA B 40 -9.83 16.92 28.19
C ALA B 40 -10.44 16.36 26.90
N ILE B 41 -10.98 15.15 26.97
CA ILE B 41 -11.57 14.46 25.80
C ILE B 41 -12.98 15.01 25.58
N GLU B 42 -13.24 15.49 24.37
CA GLU B 42 -14.61 15.83 23.93
C GLU B 42 -15.38 14.56 23.64
N LYS B 43 -14.84 13.67 22.78
CA LYS B 43 -15.53 12.43 22.39
C LYS B 43 -14.52 11.44 21.80
N ILE B 44 -14.93 10.17 21.79
CA ILE B 44 -14.17 9.03 21.21
C ILE B 44 -15.11 8.27 20.29
N GLU B 45 -14.74 8.20 19.01
CA GLU B 45 -15.51 7.51 17.97
C GLU B 45 -14.75 6.24 17.58
N ARG B 46 -15.47 5.11 17.55
CA ARG B 46 -14.99 3.84 16.94
C ARG B 46 -15.11 4.00 15.41
N ILE B 47 -14.04 3.72 14.69
CA ILE B 47 -14.02 3.77 13.20
C ILE B 47 -14.36 2.37 12.68
N GLN B 48 -15.48 2.26 11.98
CA GLN B 48 -15.91 1.00 11.32
C GLN B 48 -15.73 1.18 9.83
N ASN B 49 -14.59 0.72 9.30
CA ASN B 49 -14.24 0.86 7.86
C ASN B 49 -14.00 -0.56 7.32
N ALA B 50 -15.00 -1.12 6.64
CA ALA B 50 -14.99 -2.56 6.27
C ALA B 50 -13.76 -2.87 5.40
N PHE B 51 -13.51 -2.09 4.35
CA PHE B 51 -12.43 -2.33 3.37
C PHE B 51 -11.05 -2.19 4.04
N LEU B 52 -10.84 -1.13 4.82
CA LEU B 52 -9.54 -0.93 5.51
C LEU B 52 -9.31 -2.10 6.48
N TRP B 53 -10.39 -2.52 7.15
CA TRP B 53 -10.30 -3.64 8.12
C TRP B 53 -9.89 -4.92 7.38
N GLN B 54 -10.58 -5.25 6.28
CA GLN B 54 -10.30 -6.48 5.51
C GLN B 54 -8.84 -6.52 5.06
N SER B 55 -8.35 -5.44 4.42
CA SER B 55 -6.98 -5.38 3.86
C SER B 55 -5.95 -5.47 4.99
N TYR B 56 -6.22 -4.82 6.14
CA TYR B 56 -5.36 -4.85 7.33
C TYR B 56 -5.32 -6.27 7.91
N GLN B 57 -6.48 -6.92 8.05
CA GLN B 57 -6.56 -8.26 8.68
C GLN B 57 -5.84 -9.28 7.78
N VAL B 58 -5.92 -9.14 6.46
CA VAL B 58 -5.12 -9.98 5.53
C VAL B 58 -3.62 -9.78 5.80
N LYS B 59 -3.15 -8.53 5.89
CA LYS B 59 -1.71 -8.24 6.15
C LYS B 59 -1.32 -8.82 7.52
N LYS B 60 -2.18 -8.70 8.52
CA LYS B 60 -1.86 -9.28 9.85
C LYS B 60 -1.71 -10.80 9.75
N ARG B 61 -2.65 -11.50 9.09
CA ARG B 61 -2.55 -12.98 8.98
C ARG B 61 -1.24 -13.36 8.27
N GLN B 62 -0.83 -12.60 7.25
CA GLN B 62 0.40 -12.91 6.48
C GLN B 62 1.62 -12.74 7.39
N MET B 63 1.65 -11.69 8.19
CA MET B 63 2.81 -11.39 9.08
C MET B 63 2.84 -12.40 10.24
N ASP B 64 1.67 -12.81 10.73
CA ASP B 64 1.57 -13.89 11.75
C ASP B 64 2.12 -15.20 11.18
N ILE B 65 1.83 -15.55 9.92
CA ILE B 65 2.41 -16.76 9.27
C ILE B 65 3.93 -16.56 9.14
N LYS B 66 4.37 -15.44 8.56
CA LYS B 66 5.81 -15.26 8.18
C LYS B 66 6.67 -15.18 9.43
N ASN B 67 6.22 -14.50 10.48
CA ASN B 67 7.03 -14.32 11.71
C ASN B 67 6.83 -15.55 12.61
N ASP B 68 7.73 -15.72 13.54
CA ASP B 68 7.83 -16.94 14.39
C ASP B 68 7.05 -16.68 15.68
N HIS B 69 5.72 -16.87 15.66
CA HIS B 69 4.80 -16.64 16.82
C HIS B 69 5.07 -15.29 17.50
N LYS B 70 5.33 -14.23 16.72
CA LYS B 70 5.52 -12.87 17.29
C LYS B 70 4.15 -12.28 17.66
N ASN B 71 4.16 -11.41 18.67
CA ASN B 71 3.14 -10.33 18.83
C ASN B 71 3.46 -9.29 17.75
N ASN B 72 2.78 -9.32 16.61
CA ASN B 72 3.12 -8.43 15.48
C ASN B 72 2.40 -7.08 15.61
N GLU B 73 1.41 -6.95 16.52
CA GLU B 73 0.50 -5.78 16.51
C GLU B 73 0.62 -5.00 17.81
N ARG B 74 0.72 -3.67 17.71
CA ARG B 74 0.75 -2.71 18.85
C ARG B 74 -0.37 -1.71 18.65
N LEU B 75 -0.88 -1.17 19.75
CA LEU B 75 -1.89 -0.10 19.72
C LEU B 75 -1.15 1.21 19.97
N LEU B 76 -1.08 2.06 18.95
CA LEU B 76 -0.25 3.29 19.02
C LEU B 76 -1.13 4.50 18.71
N PHE B 77 -0.54 5.69 18.82
CA PHE B 77 -1.26 6.97 18.62
C PHE B 77 -0.73 7.68 17.39
N HIS B 78 -1.58 8.48 16.76
CA HIS B 78 -1.23 9.33 15.59
C HIS B 78 -2.02 10.64 15.65
N GLY B 79 -1.35 11.74 15.96
CA GLY B 79 -1.94 13.09 15.90
C GLY B 79 -1.94 13.57 14.47
N THR B 80 -3.03 14.19 14.03
CA THR B 80 -3.06 14.84 12.69
C THR B 80 -3.95 16.07 12.73
N ASP B 81 -3.96 16.80 11.62
CA ASP B 81 -4.74 18.04 11.42
C ASP B 81 -6.16 17.66 11.01
N ALA B 82 -7.12 18.54 11.25
CA ALA B 82 -8.55 18.37 10.92
C ALA B 82 -8.71 18.09 9.43
N ASP B 83 -7.93 18.73 8.56
CA ASP B 83 -8.09 18.60 7.09
C ASP B 83 -7.79 17.16 6.64
N SER B 84 -6.99 16.39 7.40
CA SER B 84 -6.54 15.00 7.08
C SER B 84 -7.57 13.96 7.56
N VAL B 85 -8.44 14.30 8.51
CA VAL B 85 -9.33 13.32 9.21
C VAL B 85 -10.27 12.64 8.22
N PRO B 86 -10.97 13.34 7.31
CA PRO B 86 -11.88 12.65 6.39
C PRO B 86 -11.13 11.63 5.50
N TYR B 87 -9.93 11.96 5.05
CA TYR B 87 -9.11 11.04 4.21
C TYR B 87 -8.70 9.83 5.07
N VAL B 88 -8.12 10.05 6.25
CA VAL B 88 -7.68 8.92 7.12
C VAL B 88 -8.88 8.00 7.45
N ASN B 89 -10.02 8.57 7.85
CA ASN B 89 -11.24 7.80 8.22
C ASN B 89 -11.59 6.84 7.08
N GLN B 90 -11.47 7.31 5.84
CA GLN B 90 -11.95 6.60 4.62
C GLN B 90 -10.84 5.69 4.08
N HIS B 91 -9.59 6.18 4.05
CA HIS B 91 -8.51 5.60 3.21
C HIS B 91 -7.29 5.20 4.03
N GLY B 92 -7.26 5.49 5.33
CA GLY B 92 -6.15 5.12 6.22
C GLY B 92 -4.92 6.01 6.04
N PHE B 93 -3.76 5.50 6.41
CA PHE B 93 -2.49 6.25 6.51
C PHE B 93 -1.71 6.08 5.22
N ASN B 94 -1.50 7.20 4.53
CA ASN B 94 -0.80 7.26 3.22
C ASN B 94 0.60 7.87 3.44
N ARG B 95 1.65 7.06 3.33
CA ARG B 95 3.06 7.50 3.47
C ARG B 95 3.35 8.69 2.54
N SER B 96 2.69 8.76 1.38
CA SER B 96 2.94 9.80 0.33
C SER B 96 2.49 11.18 0.83
N CYS B 97 1.69 11.24 1.89
CA CYS B 97 1.11 12.48 2.50
C CYS B 97 1.82 12.84 3.81
N ALA B 98 2.71 11.99 4.33
CA ALA B 98 3.32 12.13 5.68
C ALA B 98 4.29 13.32 5.71
N GLY B 99 4.30 14.07 6.80
CA GLY B 99 5.29 15.16 7.02
C GLY B 99 6.66 14.59 7.36
N LYS B 100 7.73 15.37 7.18
CA LYS B 100 9.08 15.01 7.70
C LYS B 100 9.00 15.11 9.22
N ASN B 101 9.41 14.07 9.95
CA ASN B 101 9.37 14.12 11.43
C ASN B 101 10.59 14.93 11.90
N ALA B 102 10.49 15.64 13.03
CA ALA B 102 11.59 16.47 13.58
C ALA B 102 12.82 15.60 13.88
N VAL B 103 12.62 14.32 14.25
CA VAL B 103 13.70 13.28 14.21
C VAL B 103 13.26 12.20 13.23
N SER B 104 13.86 12.16 12.03
CA SER B 104 13.42 11.20 10.98
C SER B 104 14.17 9.89 11.12
N TYR B 105 13.42 8.79 11.21
CA TYR B 105 13.95 7.40 11.18
C TYR B 105 13.50 6.72 9.89
N GLY B 106 13.11 7.54 8.91
CA GLY B 106 12.73 7.10 7.56
C GLY B 106 11.51 7.83 7.04
N LYS B 107 11.27 7.70 5.74
CA LYS B 107 10.15 8.34 4.99
C LYS B 107 8.94 7.39 5.01
N GLY B 108 8.14 7.48 6.05
CA GLY B 108 6.91 6.66 6.17
C GLY B 108 5.94 7.33 7.12
N THR B 109 4.92 6.58 7.53
CA THR B 109 3.93 7.06 8.51
C THR B 109 4.44 6.73 9.90
N TYR B 110 4.39 7.73 10.79
CA TYR B 110 4.89 7.72 12.19
C TYR B 110 3.74 7.46 13.16
N PHE B 111 4.00 6.62 14.16
CA PHE B 111 3.05 6.29 15.26
C PHE B 111 3.80 6.38 16.58
N ALA B 112 3.17 6.99 17.58
CA ALA B 112 3.75 7.19 18.93
C ALA B 112 3.26 6.12 19.91
N VAL B 113 4.15 5.71 20.79
CA VAL B 113 3.83 4.82 21.95
C VAL B 113 3.02 5.65 22.94
N ASP B 114 3.38 6.91 23.16
CA ASP B 114 2.76 7.79 24.19
C ASP B 114 1.86 8.82 23.52
N ALA B 115 0.62 8.95 24.01
CA ALA B 115 -0.34 10.00 23.58
C ALA B 115 0.29 11.40 23.68
N SER B 116 1.12 11.66 24.69
CA SER B 116 1.75 12.98 24.93
C SER B 116 2.49 13.46 23.66
N TYR B 117 3.18 12.55 22.96
CA TYR B 117 3.94 12.87 21.72
C TYR B 117 2.97 13.32 20.62
N SER B 118 1.94 12.51 20.37
CA SER B 118 0.90 12.80 19.37
C SER B 118 0.10 14.06 19.78
N ALA B 119 0.05 14.43 21.07
CA ALA B 119 -0.75 15.57 21.58
C ALA B 119 -0.10 16.93 21.27
N LYS B 120 1.14 16.94 20.79
CA LYS B 120 1.87 18.18 20.41
C LYS B 120 1.16 18.85 19.23
N ASP B 121 1.12 20.19 19.24
CA ASP B 121 0.41 20.99 18.21
C ASP B 121 1.03 20.70 16.85
N THR B 122 2.30 20.32 16.79
CA THR B 122 3.00 19.93 15.52
C THR B 122 2.25 18.80 14.80
N TYR B 123 1.68 17.86 15.55
CA TYR B 123 0.97 16.68 14.97
C TYR B 123 -0.56 16.88 15.02
N SER B 124 -1.13 16.96 16.21
CA SER B 124 -2.58 17.19 16.40
C SER B 124 -2.86 18.70 16.40
N LYS B 125 -2.74 19.33 15.25
CA LYS B 125 -2.90 20.80 15.08
C LYS B 125 -4.30 21.20 15.53
N PRO B 126 -4.43 22.17 16.46
CA PRO B 126 -5.73 22.69 16.88
C PRO B 126 -6.45 23.25 15.65
N ASP B 127 -7.72 22.85 15.43
CA ASP B 127 -8.53 23.45 14.34
C ASP B 127 -8.99 24.85 14.79
N SER B 128 -9.78 25.54 13.96
CA SER B 128 -10.23 26.94 14.25
C SER B 128 -11.15 27.00 15.47
N ASN B 129 -11.62 25.85 15.99
CA ASN B 129 -12.44 25.78 17.24
C ASN B 129 -11.61 25.25 18.42
N GLY B 130 -10.31 25.05 18.23
CA GLY B 130 -9.41 24.58 19.30
C GLY B 130 -9.55 23.08 19.53
N ARG B 131 -10.08 22.35 18.57
CA ARG B 131 -10.19 20.87 18.68
C ARG B 131 -8.91 20.25 18.12
N LYS B 132 -8.34 19.33 18.88
CA LYS B 132 -7.20 18.48 18.47
C LYS B 132 -7.72 17.07 18.20
N HIS B 133 -7.10 16.37 17.23
CA HIS B 133 -7.50 15.04 16.74
C HIS B 133 -6.33 14.06 16.82
N MET B 134 -6.55 12.94 17.50
CA MET B 134 -5.57 11.86 17.64
C MET B 134 -6.27 10.54 17.34
N TYR B 135 -5.71 9.74 16.43
CA TYR B 135 -6.16 8.35 16.17
C TYR B 135 -5.46 7.40 17.15
N VAL B 136 -6.22 6.37 17.52
CA VAL B 136 -5.67 5.17 18.20
C VAL B 136 -5.68 4.08 17.13
N VAL B 137 -4.55 3.41 16.94
CA VAL B 137 -4.23 2.68 15.66
C VAL B 137 -3.65 1.31 15.98
N ARG B 138 -4.21 0.26 15.37
CA ARG B 138 -3.58 -1.08 15.36
C ARG B 138 -2.49 -1.02 14.30
N VAL B 139 -1.23 -1.19 14.69
CA VAL B 139 -0.07 -1.13 13.76
C VAL B 139 0.66 -2.47 13.75
N LEU B 140 0.96 -2.98 12.55
CA LEU B 140 1.75 -4.23 12.39
C LEU B 140 3.25 -3.87 12.45
N THR B 141 3.77 -3.73 13.68
CA THR B 141 5.18 -3.38 13.95
C THR B 141 6.06 -4.57 13.61
N GLY B 142 5.53 -5.79 13.79
CA GLY B 142 6.24 -7.04 13.49
C GLY B 142 7.63 -7.04 14.10
N VAL B 143 8.64 -7.43 13.31
CA VAL B 143 10.06 -7.44 13.72
C VAL B 143 10.68 -6.14 13.24
N PHE B 144 11.29 -5.40 14.15
CA PHE B 144 11.73 -4.01 13.87
C PHE B 144 13.18 -3.82 14.28
N THR B 145 13.78 -2.78 13.71
CA THR B 145 15.17 -2.36 13.96
C THR B 145 15.19 -0.84 14.02
N LYS B 146 16.31 -0.26 14.44
CA LYS B 146 16.47 1.20 14.50
C LYS B 146 16.49 1.72 13.07
N GLY B 147 15.66 2.71 12.76
CA GLY B 147 15.57 3.24 11.39
C GLY B 147 16.67 4.26 11.12
N ARG B 148 16.63 4.85 9.92
CA ARG B 148 17.57 5.92 9.48
CA ARG B 148 17.60 5.86 9.40
C ARG B 148 16.85 6.78 8.44
N ALA B 149 17.21 8.06 8.40
CA ALA B 149 16.50 9.11 7.64
C ALA B 149 16.37 8.74 6.16
N GLY B 150 17.33 8.02 5.57
CA GLY B 150 17.27 7.65 4.14
C GLY B 150 16.17 6.66 3.74
N LEU B 151 15.55 5.91 4.67
CA LEU B 151 14.73 4.71 4.31
C LEU B 151 13.46 5.11 3.57
N VAL B 152 13.14 4.40 2.47
CA VAL B 152 11.83 4.47 1.78
C VAL B 152 11.06 3.14 1.97
N THR B 153 11.76 2.10 2.44
CA THR B 153 11.19 0.81 2.93
C THR B 153 11.99 0.44 4.17
N PRO B 154 11.52 -0.54 4.98
CA PRO B 154 12.31 -1.00 6.11
C PRO B 154 13.55 -1.67 5.52
N PRO B 155 14.65 -1.68 6.28
CA PRO B 155 15.89 -2.26 5.78
C PRO B 155 15.81 -3.78 5.74
N PRO B 156 16.68 -4.44 4.97
CA PRO B 156 16.78 -5.89 5.02
C PRO B 156 17.32 -6.36 6.38
N LYS B 157 16.91 -7.55 6.81
CA LYS B 157 17.48 -8.19 8.01
C LYS B 157 18.95 -8.58 7.75
N ASN B 158 19.25 -8.89 6.50
CA ASN B 158 20.52 -9.51 6.05
C ASN B 158 20.92 -8.80 4.76
N PRO B 159 22.11 -8.13 4.71
CA PRO B 159 22.51 -7.39 3.52
C PRO B 159 22.70 -8.29 2.30
N HIS B 160 22.86 -9.60 2.47
CA HIS B 160 23.08 -10.52 1.33
C HIS B 160 21.74 -11.05 0.82
N ASN B 161 20.62 -10.68 1.44
CA ASN B 161 19.25 -11.06 1.02
C ASN B 161 18.39 -9.80 1.11
N PRO B 162 18.61 -8.85 0.17
CA PRO B 162 18.04 -7.52 0.28
C PRO B 162 16.51 -7.46 0.27
N THR B 163 15.78 -8.51 -0.12
CA THR B 163 14.29 -8.45 -0.23
C THR B 163 13.63 -9.00 1.02
N ASP B 164 14.38 -9.53 1.98
CA ASP B 164 13.74 -10.12 3.19
C ASP B 164 13.81 -9.04 4.29
N LEU B 165 12.72 -8.27 4.47
CA LEU B 165 12.75 -6.96 5.18
C LEU B 165 12.33 -7.12 6.63
N PHE B 166 12.80 -6.23 7.50
CA PHE B 166 12.12 -5.89 8.77
C PHE B 166 10.69 -5.42 8.42
N ASP B 167 9.76 -5.54 9.36
CA ASP B 167 8.35 -5.12 9.19
C ASP B 167 8.19 -3.62 9.40
N SER B 168 8.99 -3.04 10.30
CA SER B 168 8.93 -1.60 10.67
C SER B 168 10.26 -1.17 11.27
N VAL B 169 10.42 0.11 11.51
CA VAL B 169 11.62 0.63 12.25
C VAL B 169 11.13 1.49 13.41
N THR B 170 12.06 1.76 14.32
CA THR B 170 11.82 2.49 15.58
C THR B 170 12.96 3.48 15.81
N ASN B 171 12.82 4.34 16.83
CA ASN B 171 13.88 5.29 17.24
C ASN B 171 14.93 4.54 18.06
N ASN B 172 14.53 3.50 18.78
CA ASN B 172 15.38 2.79 19.77
C ASN B 172 14.77 1.40 20.07
N THR B 173 15.46 0.30 19.74
CA THR B 173 14.88 -1.07 19.84
C THR B 173 14.70 -1.46 21.31
N ARG B 174 15.53 -0.92 22.21
CA ARG B 174 15.49 -1.19 23.65
C ARG B 174 14.29 -0.48 24.28
N SER B 175 14.08 0.79 23.95
CA SER B 175 13.00 1.65 24.51
C SER B 175 12.24 2.33 23.38
N PRO B 176 11.41 1.59 22.61
CA PRO B 176 10.73 2.17 21.46
C PRO B 176 9.77 3.26 21.93
N LYS B 177 9.81 4.45 21.31
CA LYS B 177 8.81 5.52 21.54
C LYS B 177 8.08 5.86 20.24
N LEU B 178 8.61 5.49 19.07
CA LEU B 178 7.85 5.66 17.82
C LEU B 178 8.13 4.49 16.87
N PHE B 179 7.20 4.24 15.97
CA PHE B 179 7.35 3.26 14.89
C PHE B 179 7.05 3.95 13.56
N VAL B 180 7.76 3.50 12.54
CA VAL B 180 7.54 3.96 11.15
C VAL B 180 7.15 2.75 10.31
N VAL B 181 6.08 2.88 9.53
CA VAL B 181 5.61 1.82 8.59
C VAL B 181 5.62 2.42 7.19
N PHE B 182 5.90 1.58 6.19
CA PHE B 182 6.21 2.05 4.83
C PHE B 182 5.27 1.42 3.82
N PHE B 183 4.22 0.72 4.28
CA PHE B 183 3.24 0.05 3.38
C PHE B 183 1.79 0.39 3.76
N ASP B 184 0.95 0.43 2.72
CA ASP B 184 -0.51 0.59 2.85
C ASP B 184 -1.07 -0.61 3.62
N ASN B 185 -2.10 -0.38 4.43
CA ASN B 185 -2.83 -1.48 5.09
C ASN B 185 -1.92 -2.16 6.14
N GLN B 186 -0.88 -1.49 6.66
CA GLN B 186 -0.10 -1.97 7.82
C GLN B 186 -0.61 -1.33 9.12
N ALA B 187 -1.63 -0.49 9.04
CA ALA B 187 -2.15 0.31 10.17
C ALA B 187 -3.66 0.45 10.02
N TYR B 188 -4.43 0.13 11.05
CA TYR B 188 -5.90 0.28 11.03
C TYR B 188 -6.26 1.42 11.98
N PRO B 189 -6.83 2.54 11.50
CA PRO B 189 -7.28 3.60 12.40
C PRO B 189 -8.55 3.10 13.12
N GLU B 190 -8.44 2.75 14.40
CA GLU B 190 -9.54 2.10 15.16
C GLU B 190 -10.43 3.15 15.88
N TYR B 191 -9.82 4.16 16.51
CA TYR B 191 -10.57 5.19 17.27
C TYR B 191 -10.03 6.57 16.89
N LEU B 192 -10.93 7.56 16.88
CA LEU B 192 -10.59 9.00 16.78
C LEU B 192 -10.98 9.67 18.08
N ILE B 193 -9.98 10.24 18.77
CA ILE B 193 -10.15 11.05 19.99
C ILE B 193 -10.16 12.52 19.55
N THR B 194 -11.24 13.23 19.88
CA THR B 194 -11.32 14.69 19.73
C THR B 194 -11.13 15.27 21.13
N PHE B 195 -10.22 16.24 21.30
CA PHE B 195 -9.85 16.73 22.63
C PHE B 195 -9.46 18.21 22.56
N THR B 196 -9.47 18.86 23.71
CA THR B 196 -9.22 20.32 23.87
C THR B 196 -8.30 20.51 25.08
N ALA B 197 -7.66 21.68 25.17
CA ALA B 197 -7.08 22.17 26.44
C ALA B 197 -8.24 22.49 27.40
#